data_6W29
#
_entry.id   6W29
#
_cell.length_a   73.519
_cell.length_b   73.519
_cell.length_c   233.713
_cell.angle_alpha   90.000
_cell.angle_beta   90.000
_cell.angle_gamma   90.000
#
_symmetry.space_group_name_H-M   'P 43 21 2'
#
loop_
_entity.id
_entity.type
_entity.pdbx_description
1 polymer 'Malic enzyme'
2 non-polymer 3,5-bis(fluoranyl)-~{N}-[3-[(4-methoxyphenyl)sulfamoyl]phenyl]benzamide
3 non-polymer 'CITRIC ACID'
4 non-polymer '4-(2-HYDROXYETHYL)-1-PIPERAZINE ETHANESULFONIC ACID'
5 non-polymer 'DIMETHYL SULFOXIDE'
6 water water
#
_entity_poly.entity_id   1
_entity_poly.type   'polypeptide(L)'
_entity_poly.pdbx_seq_one_letter_code
;QGRAILTDRYINRGTAFTMEERQKLHILGRLPPVVETLEEQVARVYGQVKKYEKPINRYQHLVSVHSTNTTLYYATILAH
LEEMLPIIYTPTVGEACMEYSHLFFRERGVYFNRLYKGQFRNIMRDAGYQKVEVVVITDGSRILGLGDLGSNGIGISIGK
CSLYVAGAGIDPRLIVPVILDVGTNNERYLQDKDYLGMREKRLGDEEFYELLDEFMEAASAEWPNAVIQFEDFSNNHCFD
IMERYQKKYRCFNDDIQGTGAVIAAGFLNAIKLSGVSPLQQRIVVFGAGSAAVGVANNIAALAARMYKFPVQDLVKTFYL
VDTKGLVTTTRGDQLAAHKKLLARTDVSAEDSAKLRTLEEIVRFVKPTTLLGLGGVGPAFTEEIVKMVMQNTERPIIFPL
SNPTSKAEVTPENAYKWTNGAAIVASGSPFPPTTIGGKTFKPSQGNNLYVFPGVGLGCALAQPTHIPEELLLTASESLNL
LTTEGDLREGRLYPPLEDIHNISANVATDVILEAQRMKIDNNKKLPRTRDELLAFVKKAMWKPVYSGEVGEQVL
;
_entity_poly.pdbx_strand_id   A
#
loop_
_chem_comp.id
_chem_comp.type
_chem_comp.name
_chem_comp.formula
CIT non-polymer 'CITRIC ACID' 'C6 H8 O7'
DMS non-polymer 'DIMETHYL SULFOXIDE' 'C2 H6 O S'
EPE non-polymer '4-(2-HYDROXYETHYL)-1-PIPERAZINE ETHANESULFONIC ACID' 'C8 H18 N2 O4 S'
SEV non-polymer 3,5-bis(fluoranyl)-~{N}-[3-[(4-methoxyphenyl)sulfamoyl]phenyl]benzamide 'C20 H16 F2 N2 O4 S'
#
# COMPACT_ATOMS: atom_id res chain seq x y z
N GLY A 2 1.24 40.03 4.09
CA GLY A 2 0.01 40.39 3.31
C GLY A 2 -0.45 39.21 2.45
N ARG A 3 -0.53 39.39 1.12
CA ARG A 3 -0.95 38.33 0.15
C ARG A 3 0.17 37.28 0.04
N ALA A 4 1.29 37.43 0.77
CA ALA A 4 2.38 36.43 0.86
C ALA A 4 1.96 35.23 1.72
N ILE A 5 1.42 35.48 2.91
CA ILE A 5 0.86 34.46 3.87
C ILE A 5 -0.18 33.56 3.16
N LEU A 6 -1.09 34.17 2.39
CA LEU A 6 -2.18 33.50 1.67
C LEU A 6 -1.63 32.64 0.53
N THR A 7 -0.44 32.96 0.00
CA THR A 7 0.17 32.34 -1.22
C THR A 7 1.15 31.25 -0.83
N ASP A 8 1.44 31.09 0.47
CA ASP A 8 2.12 29.90 1.04
C ASP A 8 1.05 28.89 1.46
N ARG A 9 0.97 27.73 0.79
CA ARG A 9 -0.06 26.68 1.02
C ARG A 9 0.09 25.97 2.37
N TYR A 10 1.29 25.96 2.98
CA TYR A 10 1.56 25.35 4.30
C TYR A 10 0.93 26.18 5.43
N ILE A 11 1.05 27.51 5.41
CA ILE A 11 0.50 28.37 6.51
C ILE A 11 -0.85 29.02 6.15
N ASN A 12 -1.32 28.96 4.91
CA ASN A 12 -2.58 29.65 4.49
C ASN A 12 -3.75 28.94 5.18
N ARG A 13 -4.67 29.73 5.72
CA ARG A 13 -5.89 29.23 6.43
C ARG A 13 -7.16 29.66 5.71
N GLY A 14 -7.02 30.49 4.68
CA GLY A 14 -8.15 31.06 3.92
C GLY A 14 -9.11 31.70 4.89
N THR A 15 -10.38 31.35 4.79
CA THR A 15 -11.52 31.86 5.60
C THR A 15 -11.42 31.50 7.09
N ALA A 16 -10.48 30.66 7.53
CA ALA A 16 -10.28 30.34 8.96
C ALA A 16 -9.49 31.46 9.66
N PHE A 17 -8.85 32.37 8.92
CA PHE A 17 -8.30 33.60 9.57
C PHE A 17 -9.49 34.36 10.19
N THR A 18 -9.45 34.58 11.50
CA THR A 18 -10.49 35.38 12.21
C THR A 18 -10.46 36.82 11.69
N MET A 19 -11.50 37.61 11.96
CA MET A 19 -11.53 39.06 11.64
C MET A 19 -10.28 39.73 12.24
N GLU A 20 -10.06 39.57 13.52
CA GLU A 20 -8.95 40.24 14.24
C GLU A 20 -7.61 39.76 13.64
N GLU A 21 -7.48 38.51 13.18
CA GLU A 21 -6.23 38.04 12.53
C GLU A 21 -6.04 38.74 11.18
N ARG A 22 -7.13 38.86 10.43
CA ARG A 22 -7.16 39.51 9.08
C ARG A 22 -6.64 40.95 9.22
N GLN A 23 -7.12 41.66 10.24
CA GLN A 23 -6.65 43.03 10.63
C GLN A 23 -5.13 42.98 10.86
N LYS A 24 -4.63 42.21 11.83
CA LYS A 24 -3.19 42.17 12.22
C LYS A 24 -2.34 41.80 11.00
N LEU A 25 -2.79 40.86 10.16
CA LEU A 25 -1.99 40.35 9.01
C LEU A 25 -2.19 41.19 7.73
N HIS A 26 -3.06 42.21 7.76
CA HIS A 26 -3.26 43.15 6.63
C HIS A 26 -3.83 42.35 5.46
N ILE A 27 -4.79 41.47 5.71
CA ILE A 27 -5.43 40.70 4.61
C ILE A 27 -6.94 40.88 4.73
N LEU A 28 -7.36 41.88 5.49
CA LEU A 28 -8.76 42.30 5.41
C LEU A 28 -8.97 42.67 3.94
N GLY A 29 -10.05 42.22 3.34
CA GLY A 29 -10.29 42.65 1.96
C GLY A 29 -9.63 41.72 0.97
N ARG A 30 -8.92 40.65 1.39
CA ARG A 30 -8.32 39.63 0.51
C ARG A 30 -9.16 38.34 0.52
N LEU A 31 -10.17 38.32 1.37
CA LEU A 31 -11.03 37.13 1.61
C LEU A 31 -12.47 37.60 1.62
N PRO A 32 -13.44 36.75 1.24
CA PRO A 32 -14.85 37.07 1.50
C PRO A 32 -14.99 37.16 3.03
N PRO A 33 -16.05 37.82 3.57
CA PRO A 33 -16.11 38.11 5.01
C PRO A 33 -16.52 36.98 5.99
N VAL A 34 -17.20 35.92 5.54
CA VAL A 34 -17.44 34.69 6.35
C VAL A 34 -16.12 34.23 7.00
N VAL A 35 -16.17 33.94 8.30
CA VAL A 35 -15.06 33.25 9.02
C VAL A 35 -15.53 31.81 9.28
N GLU A 36 -14.70 30.83 8.95
CA GLU A 36 -15.04 29.40 9.13
C GLU A 36 -14.03 28.76 10.05
N THR A 37 -14.47 27.74 10.78
CA THR A 37 -13.57 26.73 11.42
C THR A 37 -13.14 25.73 10.36
N LEU A 38 -12.06 25.00 10.64
CA LEU A 38 -11.54 23.92 9.77
C LEU A 38 -12.70 22.98 9.43
N GLU A 39 -13.50 22.62 10.43
CA GLU A 39 -14.60 21.62 10.27
C GLU A 39 -15.52 22.12 9.16
N GLU A 40 -15.87 23.40 9.23
CA GLU A 40 -16.78 24.06 8.27
C GLU A 40 -16.11 24.08 6.87
N GLN A 41 -14.79 24.25 6.81
CA GLN A 41 -14.07 24.39 5.52
C GLN A 41 -14.03 23.00 4.88
N VAL A 42 -13.90 21.95 5.71
CA VAL A 42 -13.86 20.54 5.23
C VAL A 42 -15.24 20.18 4.66
N ALA A 43 -16.29 20.46 5.39
CA ALA A 43 -17.66 20.21 4.89
C ALA A 43 -17.88 20.98 3.58
N ARG A 44 -17.33 22.19 3.45
CA ARG A 44 -17.52 23.00 2.20
C ARG A 44 -16.74 22.35 1.06
N VAL A 45 -15.45 22.10 1.25
CA VAL A 45 -14.61 21.39 0.25
C VAL A 45 -15.27 20.06 -0.12
N TYR A 46 -15.66 19.21 0.85
CA TYR A 46 -16.35 17.92 0.61
C TYR A 46 -17.58 18.16 -0.29
N GLY A 47 -18.40 19.18 0.04
CA GLY A 47 -19.59 19.51 -0.77
C GLY A 47 -19.21 19.82 -2.21
N GLN A 48 -18.16 20.63 -2.41
CA GLN A 48 -17.64 21.01 -3.74
C GLN A 48 -17.24 19.71 -4.46
N VAL A 49 -16.41 18.88 -3.82
CA VAL A 49 -15.85 17.63 -4.40
C VAL A 49 -16.98 16.68 -4.82
N LYS A 50 -18.00 16.54 -3.98
CA LYS A 50 -18.98 15.42 -4.03
C LYS A 50 -19.98 15.72 -5.14
N LYS A 51 -19.98 16.92 -5.69
CA LYS A 51 -20.99 17.35 -6.71
C LYS A 51 -20.44 17.09 -8.12
N TYR A 52 -19.12 17.19 -8.33
CA TYR A 52 -18.41 16.61 -9.49
C TYR A 52 -18.77 15.12 -9.62
N GLU A 53 -18.98 14.64 -10.85
CA GLU A 53 -19.63 13.32 -11.16
C GLU A 53 -18.55 12.27 -11.47
N LYS A 54 -17.40 12.65 -12.02
CA LYS A 54 -16.37 11.69 -12.51
C LYS A 54 -15.13 11.76 -11.61
N PRO A 55 -14.51 10.61 -11.25
CA PRO A 55 -13.38 10.63 -10.32
C PRO A 55 -12.30 11.66 -10.66
N ILE A 56 -11.93 11.74 -11.92
CA ILE A 56 -10.80 12.61 -12.37
C ILE A 56 -11.12 14.11 -12.15
N ASN A 57 -12.38 14.51 -12.33
CA ASN A 57 -12.94 15.83 -11.92
C ASN A 57 -12.70 16.03 -10.41
N ARG A 58 -13.13 15.09 -9.57
CA ARG A 58 -12.95 15.14 -8.10
C ARG A 58 -11.47 15.30 -7.79
N TYR A 59 -10.62 14.51 -8.43
CA TYR A 59 -9.16 14.55 -8.17
C TYR A 59 -8.63 15.95 -8.50
N GLN A 60 -8.99 16.46 -9.67
CA GLN A 60 -8.61 17.81 -10.14
C GLN A 60 -9.01 18.85 -9.08
N HIS A 61 -10.22 18.80 -8.53
CA HIS A 61 -10.64 19.76 -7.47
C HIS A 61 -9.74 19.64 -6.23
N LEU A 62 -9.43 18.42 -5.81
CA LEU A 62 -8.61 18.18 -4.60
C LEU A 62 -7.21 18.72 -4.86
N VAL A 63 -6.71 18.60 -6.10
CA VAL A 63 -5.33 19.07 -6.45
C VAL A 63 -5.29 20.59 -6.26
N SER A 64 -6.36 21.30 -6.60
CA SER A 64 -6.40 22.79 -6.43
C SER A 64 -6.40 23.16 -4.93
N VAL A 65 -7.09 22.39 -4.09
CA VAL A 65 -7.10 22.63 -2.62
C VAL A 65 -5.68 22.42 -2.09
N HIS A 66 -5.04 21.31 -2.46
CA HIS A 66 -3.65 20.96 -2.03
C HIS A 66 -2.70 22.09 -2.42
N SER A 67 -3.01 22.84 -3.48
CA SER A 67 -2.16 23.88 -4.11
C SER A 67 -2.25 25.16 -3.29
N THR A 68 -3.39 25.39 -2.64
CA THR A 68 -3.76 26.65 -1.93
C THR A 68 -3.63 26.50 -0.41
N ASN A 69 -4.11 25.39 0.14
CA ASN A 69 -4.30 25.24 1.62
C ASN A 69 -4.04 23.78 1.98
N THR A 70 -2.78 23.46 2.30
CA THR A 70 -2.27 22.09 2.52
C THR A 70 -3.01 21.47 3.71
N THR A 71 -3.20 22.28 4.75
CA THR A 71 -3.87 21.84 6.00
C THR A 71 -5.29 21.38 5.65
N LEU A 72 -6.05 22.20 4.91
CA LEU A 72 -7.48 21.92 4.59
C LEU A 72 -7.56 20.68 3.67
N TYR A 73 -6.55 20.49 2.83
CA TYR A 73 -6.51 19.30 1.94
C TYR A 73 -6.48 18.01 2.79
N TYR A 74 -5.50 17.92 3.69
CA TYR A 74 -5.21 16.71 4.48
C TYR A 74 -6.37 16.52 5.47
N ALA A 75 -6.93 17.63 5.98
CA ALA A 75 -8.09 17.59 6.92
C ALA A 75 -9.29 16.98 6.19
N THR A 76 -9.49 17.32 4.92
CA THR A 76 -10.64 16.82 4.10
C THR A 76 -10.51 15.31 3.86
N ILE A 77 -9.29 14.88 3.55
CA ILE A 77 -8.91 13.48 3.22
C ILE A 77 -9.25 12.62 4.45
N LEU A 78 -8.76 13.02 5.61
CA LEU A 78 -8.92 12.26 6.89
C LEU A 78 -10.37 12.19 7.33
N ALA A 79 -11.18 13.23 7.14
CA ALA A 79 -12.61 13.20 7.48
C ALA A 79 -13.38 12.29 6.52
N HIS A 80 -12.86 11.98 5.33
CA HIS A 80 -13.60 11.18 4.34
C HIS A 80 -12.70 10.14 3.69
N LEU A 81 -11.79 9.56 4.46
CA LEU A 81 -10.69 8.73 3.91
C LEU A 81 -11.20 7.56 3.04
N GLU A 82 -12.19 6.78 3.47
CA GLU A 82 -12.62 5.58 2.72
C GLU A 82 -13.09 6.04 1.33
N GLU A 83 -13.77 7.18 1.28
CA GLU A 83 -14.34 7.72 0.02
C GLU A 83 -13.24 8.33 -0.86
N MET A 84 -12.31 9.07 -0.28
CA MET A 84 -11.30 9.84 -1.03
C MET A 84 -10.16 8.94 -1.51
N LEU A 85 -9.98 7.74 -0.95
CA LEU A 85 -8.78 6.91 -1.27
C LEU A 85 -8.74 6.52 -2.75
N PRO A 86 -9.85 6.05 -3.38
CA PRO A 86 -9.85 5.71 -4.81
C PRO A 86 -9.70 6.91 -5.78
N ILE A 87 -9.93 8.12 -5.27
CA ILE A 87 -9.76 9.39 -6.01
C ILE A 87 -8.27 9.76 -5.94
N ILE A 88 -7.68 9.85 -4.73
CA ILE A 88 -6.32 10.45 -4.55
C ILE A 88 -5.24 9.41 -4.81
N TYR A 89 -5.58 8.14 -4.99
CA TYR A 89 -4.58 7.12 -5.39
C TYR A 89 -5.26 6.08 -6.28
N THR A 90 -4.89 4.81 -6.19
CA THR A 90 -5.38 3.75 -7.10
C THR A 90 -6.90 3.73 -7.04
N PRO A 91 -7.63 3.74 -8.19
CA PRO A 91 -7.07 3.85 -9.56
C PRO A 91 -7.14 5.19 -10.30
N THR A 92 -7.79 6.21 -9.74
CA THR A 92 -7.83 7.56 -10.36
C THR A 92 -6.42 8.09 -10.63
N VAL A 93 -5.48 7.97 -9.69
CA VAL A 93 -4.13 8.58 -9.85
C VAL A 93 -3.53 8.10 -11.18
N GLY A 94 -3.73 6.84 -11.55
CA GLY A 94 -3.14 6.20 -12.74
C GLY A 94 -3.69 6.79 -14.02
N GLU A 95 -5.00 7.00 -14.06
CA GLU A 95 -5.68 7.72 -15.17
C GLU A 95 -5.17 9.17 -15.19
N ALA A 96 -4.96 9.81 -14.05
CA ALA A 96 -4.49 11.22 -14.02
C ALA A 96 -3.09 11.32 -14.69
N CYS A 97 -2.16 10.45 -14.28
CA CYS A 97 -0.81 10.32 -14.87
C CYS A 97 -0.94 10.08 -16.38
N MET A 98 -1.82 9.15 -16.76
CA MET A 98 -1.92 8.62 -18.16
C MET A 98 -2.36 9.76 -19.11
N GLU A 99 -3.22 10.67 -18.66
CA GLU A 99 -3.98 11.58 -19.57
C GLU A 99 -4.08 13.00 -19.02
N TYR A 100 -3.73 13.26 -17.76
CA TYR A 100 -3.84 14.61 -17.15
C TYR A 100 -2.56 14.95 -16.40
N SER A 101 -1.41 14.57 -16.94
CA SER A 101 -0.10 14.72 -16.23
C SER A 101 0.16 16.19 -15.91
N HIS A 102 -0.55 17.11 -16.55
CA HIS A 102 -0.39 18.56 -16.31
C HIS A 102 -0.80 18.92 -14.88
N LEU A 103 -1.57 18.07 -14.20
CA LEU A 103 -1.99 18.27 -12.77
C LEU A 103 -0.80 18.16 -11.79
N PHE A 104 0.33 17.60 -12.23
CA PHE A 104 1.52 17.30 -11.39
C PHE A 104 2.62 18.35 -11.56
N PHE A 105 2.43 19.28 -12.50
CA PHE A 105 3.50 20.21 -12.91
C PHE A 105 3.87 21.13 -11.73
N ARG A 106 2.89 21.65 -10.97
CA ARG A 106 3.08 22.54 -9.79
C ARG A 106 3.82 21.85 -8.63
N GLU A 107 3.70 20.52 -8.51
CA GLU A 107 4.11 19.75 -7.30
C GLU A 107 5.63 19.60 -7.33
N ARG A 108 6.20 19.03 -6.27
CA ARG A 108 7.64 19.23 -5.94
C ARG A 108 8.48 18.08 -6.51
N GLY A 109 8.06 17.49 -7.63
CA GLY A 109 8.76 16.34 -8.25
C GLY A 109 10.28 16.55 -8.41
N VAL A 110 11.04 15.45 -8.33
CA VAL A 110 12.47 15.44 -8.75
C VAL A 110 12.59 14.43 -9.88
N TYR A 111 13.22 14.85 -11.00
CA TYR A 111 13.39 14.10 -12.26
C TYR A 111 14.89 13.75 -12.46
N PHE A 112 15.16 12.45 -12.63
CA PHE A 112 16.48 11.89 -13.04
C PHE A 112 16.31 11.11 -14.35
N ASN A 113 17.42 11.06 -15.11
CA ASN A 113 17.56 10.37 -16.42
C ASN A 113 19.05 10.27 -16.75
N ARG A 114 19.42 9.51 -17.78
CA ARG A 114 20.83 9.34 -18.18
C ARG A 114 21.47 10.68 -18.52
N LEU A 115 20.73 11.70 -18.96
CA LEU A 115 21.40 12.97 -19.38
C LEU A 115 22.07 13.65 -18.18
N TYR A 116 21.69 13.34 -16.94
CA TYR A 116 22.24 13.96 -15.70
C TYR A 116 23.18 12.97 -15.00
N LYS A 117 23.57 11.90 -15.67
CA LYS A 117 24.50 10.90 -15.12
C LYS A 117 25.68 11.65 -14.44
N GLY A 118 26.04 11.32 -13.20
CA GLY A 118 27.12 11.99 -12.44
C GLY A 118 26.69 13.29 -11.76
N GLN A 119 25.47 13.77 -11.97
CA GLN A 119 24.98 15.03 -11.32
C GLN A 119 23.84 14.76 -10.31
N PHE A 120 23.52 13.48 -10.01
CA PHE A 120 22.34 13.12 -9.17
C PHE A 120 22.46 13.84 -7.83
N ARG A 121 23.68 13.92 -7.26
CA ARG A 121 23.90 14.55 -5.93
C ARG A 121 23.61 16.05 -5.96
N ASN A 122 24.10 16.75 -6.98
CA ASN A 122 23.91 18.21 -7.18
C ASN A 122 22.43 18.52 -7.33
N ILE A 123 21.71 17.67 -8.06
CA ILE A 123 20.24 17.87 -8.28
C ILE A 123 19.55 17.78 -6.93
N MET A 124 19.95 16.81 -6.12
CA MET A 124 19.36 16.58 -4.77
C MET A 124 19.72 17.76 -3.86
N ARG A 125 20.98 18.18 -3.80
CA ARG A 125 21.44 19.36 -3.02
C ARG A 125 20.64 20.61 -3.44
N ASP A 126 20.56 20.88 -4.74
CA ASP A 126 19.91 22.09 -5.30
C ASP A 126 18.42 22.06 -4.97
N ALA A 127 17.83 20.91 -4.69
CA ALA A 127 16.40 20.80 -4.33
C ALA A 127 16.14 21.56 -3.02
N GLY A 128 17.14 21.74 -2.17
CA GLY A 128 17.04 22.56 -0.95
C GLY A 128 15.96 22.05 -0.02
N TYR A 129 16.00 20.76 0.31
CA TYR A 129 15.12 20.10 1.29
C TYR A 129 16.05 19.61 2.39
N GLN A 130 15.73 19.89 3.65
CA GLN A 130 16.53 19.40 4.79
C GLN A 130 15.78 18.32 5.54
N LYS A 131 16.52 17.36 6.12
CA LYS A 131 15.99 16.33 7.06
C LYS A 131 14.70 15.74 6.44
N VAL A 132 14.80 15.44 5.14
CA VAL A 132 13.84 14.64 4.34
C VAL A 132 13.69 13.29 5.04
N GLU A 133 12.45 12.83 5.22
CA GLU A 133 12.12 11.57 5.94
C GLU A 133 11.71 10.46 4.99
N VAL A 134 11.08 10.79 3.86
CA VAL A 134 10.43 9.79 2.95
C VAL A 134 10.61 10.23 1.49
N VAL A 135 11.19 9.35 0.69
CA VAL A 135 11.35 9.53 -0.77
C VAL A 135 10.60 8.38 -1.44
N VAL A 136 9.53 8.66 -2.18
CA VAL A 136 8.94 7.66 -3.11
C VAL A 136 9.57 7.82 -4.50
N ILE A 137 10.11 6.73 -5.03
CA ILE A 137 10.70 6.63 -6.39
C ILE A 137 9.94 5.55 -7.19
N THR A 138 9.62 5.87 -8.44
CA THR A 138 9.14 4.92 -9.49
C THR A 138 9.92 5.22 -10.77
N ASP A 139 9.91 4.30 -11.74
CA ASP A 139 10.39 4.51 -13.12
C ASP A 139 9.20 4.46 -14.08
N GLY A 140 7.99 4.35 -13.55
CA GLY A 140 6.75 4.33 -14.34
C GLY A 140 6.54 3.05 -15.13
N SER A 141 7.28 1.96 -14.85
CA SER A 141 7.12 0.69 -15.61
C SER A 141 5.82 -0.05 -15.24
N ARG A 142 5.34 0.13 -14.00
CA ARG A 142 4.09 -0.38 -13.35
C ARG A 142 4.28 -1.83 -12.87
N ILE A 143 3.70 -2.16 -11.70
CA ILE A 143 3.77 -3.52 -11.07
C ILE A 143 2.87 -4.49 -11.86
N LEU A 144 1.65 -4.07 -12.22
CA LEU A 144 0.62 -4.89 -12.92
C LEU A 144 0.95 -4.96 -14.41
N GLY A 145 2.11 -4.41 -14.81
CA GLY A 145 2.68 -4.42 -16.17
C GLY A 145 1.71 -3.85 -17.19
N LEU A 146 0.78 -2.97 -16.77
CA LEU A 146 -0.27 -2.35 -17.65
C LEU A 146 -0.08 -0.81 -17.63
N GLY A 147 -0.08 -0.22 -18.83
CA GLY A 147 0.03 1.23 -19.02
C GLY A 147 1.35 1.77 -18.51
N ASP A 148 2.49 1.34 -19.08
CA ASP A 148 3.80 1.99 -18.85
C ASP A 148 3.57 3.52 -18.96
N LEU A 149 3.91 4.31 -17.95
CA LEU A 149 3.65 5.77 -17.95
C LEU A 149 4.94 6.57 -18.13
N GLY A 150 6.08 5.89 -18.16
CA GLY A 150 7.36 6.61 -18.25
C GLY A 150 7.42 7.77 -17.28
N SER A 151 7.86 8.93 -17.76
CA SER A 151 8.05 10.18 -16.99
C SER A 151 6.79 10.55 -16.23
N ASN A 152 5.59 10.27 -16.77
CA ASN A 152 4.28 10.61 -16.16
C ASN A 152 4.08 9.85 -14.84
N GLY A 153 4.92 8.84 -14.56
CA GLY A 153 4.98 8.10 -13.29
C GLY A 153 5.20 9.01 -12.08
N ILE A 154 5.66 10.25 -12.27
CA ILE A 154 5.86 11.21 -11.15
C ILE A 154 4.54 11.39 -10.37
N GLY A 155 3.37 11.36 -11.04
CA GLY A 155 2.04 11.44 -10.40
C GLY A 155 1.78 10.34 -9.36
N ILE A 156 2.28 9.12 -9.63
CA ILE A 156 2.32 7.97 -8.69
C ILE A 156 3.20 8.33 -7.48
N SER A 157 4.41 8.82 -7.66
CA SER A 157 5.26 9.20 -6.51
C SER A 157 4.56 10.33 -5.72
N ILE A 158 4.00 11.32 -6.41
CA ILE A 158 3.35 12.47 -5.73
C ILE A 158 2.19 11.91 -4.90
N GLY A 159 1.35 11.03 -5.47
CA GLY A 159 0.20 10.44 -4.78
C GLY A 159 0.62 9.61 -3.57
N LYS A 160 1.65 8.78 -3.70
CA LYS A 160 2.15 7.90 -2.62
C LYS A 160 2.73 8.75 -1.49
N CYS A 161 3.53 9.76 -1.81
CA CYS A 161 4.11 10.66 -0.77
C CYS A 161 2.98 11.26 0.08
N SER A 162 1.92 11.70 -0.60
CA SER A 162 0.75 12.36 0.05
C SER A 162 0.10 11.39 1.04
N LEU A 163 0.13 10.07 0.78
CA LEU A 163 -0.51 9.07 1.66
C LEU A 163 0.33 8.88 2.93
N TYR A 164 1.65 9.03 2.87
CA TYR A 164 2.46 9.05 4.11
C TYR A 164 2.07 10.25 4.98
N VAL A 165 1.83 11.41 4.40
CA VAL A 165 1.46 12.61 5.20
C VAL A 165 0.10 12.36 5.83
N ALA A 166 -0.90 11.95 5.05
CA ALA A 166 -2.29 11.73 5.54
C ALA A 166 -2.32 10.59 6.56
N GLY A 167 -1.62 9.49 6.26
CA GLY A 167 -1.70 8.22 7.01
C GLY A 167 -0.92 8.23 8.31
N ALA A 168 0.30 8.78 8.30
CA ALA A 168 1.23 8.67 9.44
C ALA A 168 1.68 10.04 9.97
N GLY A 169 1.14 11.14 9.44
CA GLY A 169 1.60 12.50 9.82
C GLY A 169 3.09 12.74 9.55
N ILE A 170 3.66 12.19 8.48
CA ILE A 170 4.95 12.72 7.94
C ILE A 170 4.65 14.16 7.56
N ASP A 171 5.50 15.11 7.96
CA ASP A 171 5.35 16.54 7.62
C ASP A 171 5.45 16.70 6.10
N PRO A 172 4.48 17.39 5.45
CA PRO A 172 4.47 17.52 3.98
C PRO A 172 5.69 18.22 3.37
N ARG A 173 6.48 18.95 4.17
CA ARG A 173 7.77 19.56 3.72
C ARG A 173 8.89 18.53 3.75
N LEU A 174 8.67 17.34 4.29
CA LEU A 174 9.76 16.34 4.48
C LEU A 174 9.55 15.10 3.62
N ILE A 175 8.72 15.18 2.59
CA ILE A 175 8.48 14.08 1.59
C ILE A 175 8.92 14.57 0.22
N VAL A 176 9.53 13.69 -0.56
CA VAL A 176 10.10 14.03 -1.90
C VAL A 176 9.64 12.96 -2.90
N PRO A 177 8.81 13.29 -3.91
CA PRO A 177 8.46 12.35 -4.96
C PRO A 177 9.49 12.38 -6.09
N VAL A 178 9.89 11.20 -6.58
CA VAL A 178 10.99 11.04 -7.55
C VAL A 178 10.49 10.21 -8.72
N ILE A 179 10.86 10.64 -9.92
CA ILE A 179 10.74 9.83 -11.15
C ILE A 179 12.15 9.58 -11.63
N LEU A 180 12.52 8.32 -11.76
CA LEU A 180 13.77 7.93 -12.45
C LEU A 180 13.34 7.50 -13.85
N ASP A 181 13.57 8.37 -14.83
CA ASP A 181 13.10 8.19 -16.22
C ASP A 181 14.21 7.45 -16.98
N VAL A 182 14.04 6.15 -17.20
CA VAL A 182 15.02 5.31 -17.95
C VAL A 182 14.42 4.94 -19.30
N GLY A 183 13.48 5.77 -19.76
CA GLY A 183 12.74 5.52 -21.01
C GLY A 183 11.37 4.93 -20.76
N THR A 184 10.69 4.56 -21.83
CA THR A 184 9.32 4.02 -21.82
C THR A 184 9.09 3.15 -23.05
N ASN A 185 8.28 2.10 -22.89
CA ASN A 185 7.89 1.19 -23.99
C ASN A 185 6.43 1.46 -24.33
N ASN A 186 5.88 2.57 -23.82
CA ASN A 186 4.52 3.06 -24.17
C ASN A 186 4.64 3.66 -25.57
N GLU A 187 4.18 2.96 -26.60
CA GLU A 187 4.42 3.36 -28.01
C GLU A 187 3.64 4.64 -28.35
N ARG A 188 2.51 4.91 -27.72
CA ARG A 188 1.78 6.18 -27.98
C ARG A 188 2.64 7.36 -27.54
N TYR A 189 3.23 7.24 -26.36
CA TYR A 189 4.10 8.28 -25.74
C TYR A 189 5.32 8.52 -26.63
N LEU A 190 5.90 7.44 -27.16
CA LEU A 190 7.13 7.55 -27.99
C LEU A 190 6.82 8.38 -29.24
N GLN A 191 5.59 8.27 -29.78
CA GLN A 191 5.13 9.05 -30.96
C GLN A 191 4.34 10.29 -30.53
N ASP A 192 4.12 10.50 -29.23
CA ASP A 192 3.32 11.68 -28.78
C ASP A 192 4.22 12.92 -28.71
N LYS A 193 3.80 13.97 -29.41
CA LYS A 193 4.53 15.25 -29.50
C LYS A 193 4.56 15.93 -28.12
N ASP A 194 3.55 15.65 -27.30
CA ASP A 194 3.38 16.28 -25.96
C ASP A 194 4.00 15.44 -24.83
N TYR A 195 4.54 14.25 -25.10
CA TYR A 195 5.37 13.52 -24.11
C TYR A 195 6.65 14.30 -23.81
N LEU A 196 6.95 14.49 -22.52
CA LEU A 196 8.02 15.42 -22.06
C LEU A 196 9.19 14.65 -21.49
N GLY A 197 9.10 13.33 -21.52
CA GLY A 197 10.14 12.45 -20.98
C GLY A 197 11.21 12.14 -21.99
N MET A 198 12.11 11.24 -21.60
CA MET A 198 13.13 10.65 -22.51
C MET A 198 12.37 9.82 -23.53
N ARG A 199 12.40 10.24 -24.80
CA ARG A 199 11.71 9.55 -25.91
C ARG A 199 12.63 8.41 -26.42
N GLU A 200 12.69 7.31 -25.69
CA GLU A 200 13.47 6.11 -26.09
C GLU A 200 12.94 4.90 -25.30
N LYS A 201 13.19 3.71 -25.84
CA LYS A 201 12.87 2.39 -25.22
C LYS A 201 13.55 2.38 -23.85
N ARG A 202 13.03 1.59 -22.91
CA ARG A 202 13.63 1.44 -21.55
C ARG A 202 15.06 0.94 -21.73
N LEU A 203 15.99 1.54 -20.98
CA LEU A 203 17.41 1.12 -20.96
C LEU A 203 17.52 -0.36 -20.60
N GLY A 204 18.58 -1.03 -21.06
CA GLY A 204 18.97 -2.37 -20.57
C GLY A 204 19.35 -2.34 -19.10
N ASP A 205 19.37 -3.52 -18.48
CA ASP A 205 19.57 -3.75 -17.03
C ASP A 205 20.84 -3.02 -16.55
N GLU A 206 21.91 -3.11 -17.31
CA GLU A 206 23.22 -2.62 -16.85
C GLU A 206 23.14 -1.09 -16.67
N GLU A 207 22.62 -0.36 -17.66
CA GLU A 207 22.51 1.12 -17.58
C GLU A 207 21.43 1.50 -16.56
N PHE A 208 20.38 0.68 -16.45
CA PHE A 208 19.30 0.83 -15.44
C PHE A 208 19.91 0.83 -14.03
N TYR A 209 20.75 -0.17 -13.68
CA TYR A 209 21.37 -0.31 -12.33
C TYR A 209 22.45 0.76 -12.10
N GLU A 210 23.17 1.17 -13.15
CA GLU A 210 24.15 2.30 -13.05
C GLU A 210 23.42 3.58 -12.63
N LEU A 211 22.27 3.87 -13.23
CA LEU A 211 21.54 5.10 -12.85
C LEU A 211 20.94 4.91 -11.46
N LEU A 212 20.32 3.75 -11.16
CA LEU A 212 19.61 3.53 -9.85
C LEU A 212 20.63 3.44 -8.70
N ASP A 213 21.79 2.80 -8.93
CA ASP A 213 22.93 2.84 -7.96
C ASP A 213 23.27 4.29 -7.65
N GLU A 214 23.52 5.12 -8.67
CA GLU A 214 23.91 6.53 -8.41
C GLU A 214 22.81 7.19 -7.58
N PHE A 215 21.54 6.95 -7.92
CA PHE A 215 20.41 7.53 -7.15
C PHE A 215 20.51 7.08 -5.68
N MET A 216 20.65 5.77 -5.44
CA MET A 216 20.66 5.24 -4.05
C MET A 216 21.83 5.87 -3.29
N GLU A 217 23.01 5.99 -3.90
CA GLU A 217 24.21 6.54 -3.20
C GLU A 217 24.02 8.05 -2.98
N ALA A 218 23.53 8.77 -3.95
CA ALA A 218 23.30 10.24 -3.86
C ALA A 218 22.27 10.52 -2.77
N ALA A 219 21.17 9.77 -2.72
CA ALA A 219 20.15 9.89 -1.65
C ALA A 219 20.75 9.62 -0.25
N SER A 220 21.59 8.59 -0.10
CA SER A 220 22.18 8.26 1.23
C SER A 220 23.06 9.40 1.76
N ALA A 221 23.71 10.19 0.89
CA ALA A 221 24.59 11.31 1.28
C ALA A 221 23.77 12.58 1.53
N GLU A 222 22.76 12.88 0.73
CA GLU A 222 22.10 14.22 0.75
C GLU A 222 20.79 14.16 1.53
N TRP A 223 20.18 12.98 1.52
CA TRP A 223 18.93 12.69 2.25
C TRP A 223 19.20 11.56 3.25
N PRO A 224 20.21 11.71 4.16
CA PRO A 224 20.66 10.61 5.01
C PRO A 224 19.56 10.09 5.95
N ASN A 225 18.61 10.92 6.32
CA ASN A 225 17.55 10.60 7.32
C ASN A 225 16.35 9.91 6.66
N ALA A 226 16.37 9.75 5.33
CA ALA A 226 15.19 9.39 4.53
C ALA A 226 15.08 7.88 4.47
N VAL A 227 13.85 7.42 4.38
CA VAL A 227 13.47 6.08 3.86
C VAL A 227 13.31 6.19 2.34
N ILE A 228 13.82 5.23 1.57
CA ILE A 228 13.61 5.17 0.09
C ILE A 228 12.55 4.09 -0.17
N GLN A 229 11.36 4.44 -0.63
CA GLN A 229 10.32 3.42 -0.95
C GLN A 229 10.13 3.31 -2.47
N PHE A 230 10.44 2.13 -3.00
CA PHE A 230 10.17 1.77 -4.41
C PHE A 230 8.66 1.56 -4.61
N GLU A 231 8.09 2.23 -5.63
CA GLU A 231 6.65 2.17 -5.97
C GLU A 231 6.48 1.86 -7.47
N ASP A 232 5.69 0.84 -7.79
CA ASP A 232 5.15 0.60 -9.16
C ASP A 232 6.27 0.30 -10.15
N PHE A 233 7.25 -0.47 -9.72
CA PHE A 233 8.31 -1.04 -10.59
C PHE A 233 7.81 -2.38 -11.09
N SER A 234 8.05 -2.69 -12.36
CA SER A 234 7.68 -3.97 -13.01
C SER A 234 8.43 -5.15 -12.39
N ASN A 235 7.90 -6.35 -12.61
CA ASN A 235 8.35 -7.62 -11.99
C ASN A 235 9.76 -7.96 -12.42
N ASN A 236 10.15 -7.56 -13.62
CA ASN A 236 11.52 -7.84 -14.13
C ASN A 236 12.55 -7.17 -13.20
N HIS A 237 12.19 -6.09 -12.50
CA HIS A 237 13.15 -5.31 -11.65
C HIS A 237 12.79 -5.32 -10.14
N CYS A 238 11.54 -5.37 -9.71
CA CYS A 238 11.17 -4.96 -8.32
C CYS A 238 11.85 -5.85 -7.27
N PHE A 239 11.81 -7.18 -7.47
CA PHE A 239 12.43 -8.17 -6.54
C PHE A 239 13.95 -7.96 -6.56
N ASP A 240 14.56 -7.80 -7.75
CA ASP A 240 16.05 -7.75 -7.89
C ASP A 240 16.59 -6.46 -7.25
N ILE A 241 15.79 -5.39 -7.33
CA ILE A 241 16.12 -4.08 -6.69
C ILE A 241 16.27 -4.34 -5.18
N MET A 242 15.31 -5.05 -4.57
CA MET A 242 15.33 -5.26 -3.10
C MET A 242 16.52 -6.15 -2.73
N GLU A 243 16.85 -7.17 -3.53
CA GLU A 243 17.99 -8.08 -3.22
C GLU A 243 19.26 -7.25 -3.32
N ARG A 244 19.29 -6.25 -4.20
CA ARG A 244 20.52 -5.46 -4.44
C ARG A 244 20.71 -4.42 -3.33
N TYR A 245 19.64 -3.86 -2.78
CA TYR A 245 19.74 -2.66 -1.88
C TYR A 245 19.34 -2.95 -0.42
N GLN A 246 18.49 -3.94 -0.14
CA GLN A 246 17.86 -4.13 1.19
C GLN A 246 18.87 -3.94 2.34
N LYS A 247 20.11 -4.39 2.19
CA LYS A 247 21.14 -4.35 3.28
C LYS A 247 21.95 -3.05 3.28
N LYS A 248 22.25 -2.44 2.14
CA LYS A 248 23.14 -1.25 2.12
C LYS A 248 22.35 0.04 2.36
N TYR A 249 21.03 0.08 2.16
CA TYR A 249 20.28 1.36 2.30
C TYR A 249 18.95 1.13 3.02
N ARG A 250 18.40 2.23 3.51
CA ARG A 250 17.10 2.23 4.20
C ARG A 250 16.02 2.25 3.12
N CYS A 251 15.59 1.08 2.66
CA CYS A 251 14.63 1.00 1.54
C CYS A 251 13.71 -0.22 1.68
N PHE A 252 12.50 -0.06 1.16
CA PHE A 252 11.50 -1.14 1.03
C PHE A 252 10.65 -0.89 -0.21
N ASN A 253 9.91 -1.92 -0.62
CA ASN A 253 8.93 -1.92 -1.72
C ASN A 253 7.54 -2.28 -1.16
N ASP A 254 6.62 -1.34 -1.23
CA ASP A 254 5.28 -1.47 -0.62
C ASP A 254 4.42 -2.51 -1.36
N ASP A 255 4.47 -2.52 -2.68
CA ASP A 255 3.87 -3.56 -3.54
C ASP A 255 4.22 -4.99 -3.05
N ILE A 256 5.50 -5.31 -2.90
CA ILE A 256 5.97 -6.63 -2.43
C ILE A 256 5.71 -6.76 -0.92
N GLN A 257 6.42 -5.98 -0.08
CA GLN A 257 6.48 -6.16 1.39
C GLN A 257 5.22 -5.60 2.08
N GLY A 258 4.73 -4.43 1.67
CA GLY A 258 3.52 -3.86 2.30
C GLY A 258 2.33 -4.78 2.10
N THR A 259 2.12 -5.24 0.88
CA THR A 259 0.95 -6.06 0.52
C THR A 259 0.91 -7.31 1.39
N GLY A 260 2.02 -8.00 1.53
CA GLY A 260 2.04 -9.27 2.29
C GLY A 260 1.79 -9.04 3.76
N ALA A 261 2.44 -8.03 4.34
CA ALA A 261 2.25 -7.60 5.75
C ALA A 261 0.75 -7.36 6.01
N VAL A 262 0.06 -6.66 5.11
CA VAL A 262 -1.37 -6.30 5.32
C VAL A 262 -2.24 -7.56 5.16
N ILE A 263 -2.03 -8.34 4.11
CA ILE A 263 -2.90 -9.51 3.85
C ILE A 263 -2.73 -10.53 4.99
N ALA A 264 -1.51 -10.74 5.48
CA ALA A 264 -1.19 -11.69 6.57
C ALA A 264 -1.96 -11.31 7.85
N ALA A 265 -1.94 -10.02 8.23
CA ALA A 265 -2.57 -9.56 9.48
C ALA A 265 -4.06 -9.86 9.39
N GLY A 266 -4.65 -9.60 8.24
CA GLY A 266 -6.09 -9.78 8.05
C GLY A 266 -6.43 -11.26 8.01
N PHE A 267 -5.55 -12.06 7.39
CA PHE A 267 -5.83 -13.51 7.20
C PHE A 267 -5.87 -14.14 8.59
N LEU A 268 -4.93 -13.80 9.48
CA LEU A 268 -4.88 -14.43 10.84
C LEU A 268 -6.15 -14.08 11.60
N ASN A 269 -6.62 -12.84 11.53
CA ASN A 269 -7.90 -12.47 12.16
C ASN A 269 -9.02 -13.29 11.48
N ALA A 270 -8.97 -13.50 10.17
CA ALA A 270 -9.96 -14.38 9.50
C ALA A 270 -9.92 -15.77 10.14
N ILE A 271 -8.73 -16.27 10.48
CA ILE A 271 -8.57 -17.58 11.16
C ILE A 271 -9.31 -17.56 12.51
N LYS A 272 -9.06 -16.53 13.34
CA LYS A 272 -9.69 -16.36 14.68
C LYS A 272 -11.20 -16.45 14.56
N LEU A 273 -11.82 -15.90 13.52
CA LEU A 273 -13.30 -15.86 13.45
C LEU A 273 -13.85 -17.15 12.85
N SER A 274 -13.01 -18.01 12.30
CA SER A 274 -13.45 -19.11 11.40
C SER A 274 -13.90 -20.32 12.22
N GLY A 275 -13.37 -20.49 13.43
CA GLY A 275 -13.42 -21.74 14.20
C GLY A 275 -12.15 -22.54 13.96
N VAL A 276 -11.75 -22.64 12.69
CA VAL A 276 -10.66 -23.52 12.20
C VAL A 276 -9.31 -22.83 12.42
N SER A 277 -8.55 -23.28 13.43
CA SER A 277 -7.20 -22.78 13.82
C SER A 277 -6.16 -22.99 12.70
N PRO A 278 -5.00 -22.30 12.74
CA PRO A 278 -4.05 -22.30 11.63
C PRO A 278 -3.56 -23.66 11.11
N LEU A 279 -3.34 -24.64 11.98
CA LEU A 279 -2.81 -25.97 11.55
C LEU A 279 -3.97 -26.79 10.97
N GLN A 280 -5.21 -26.39 11.24
CA GLN A 280 -6.43 -27.03 10.69
C GLN A 280 -6.88 -26.37 9.38
N GLN A 281 -6.25 -25.27 8.93
CA GLN A 281 -6.64 -24.57 7.67
C GLN A 281 -6.09 -25.39 6.49
N ARG A 282 -6.90 -25.58 5.45
CA ARG A 282 -6.40 -26.05 4.13
C ARG A 282 -6.61 -24.89 3.15
N ILE A 283 -5.51 -24.28 2.71
CA ILE A 283 -5.57 -22.98 1.98
C ILE A 283 -5.20 -23.18 0.50
N VAL A 284 -6.16 -22.98 -0.41
CA VAL A 284 -5.88 -22.85 -1.87
C VAL A 284 -5.38 -21.43 -2.12
N VAL A 285 -4.15 -21.36 -2.61
CA VAL A 285 -3.54 -20.14 -3.15
C VAL A 285 -3.76 -20.19 -4.64
N PHE A 286 -4.78 -19.50 -5.13
CA PHE A 286 -5.08 -19.42 -6.58
C PHE A 286 -4.20 -18.32 -7.19
N GLY A 287 -3.18 -18.75 -7.95
CA GLY A 287 -2.13 -17.89 -8.51
C GLY A 287 -0.82 -18.15 -7.82
N ALA A 288 0.29 -18.18 -8.57
CA ALA A 288 1.61 -18.71 -8.12
C ALA A 288 2.74 -17.80 -8.62
N GLY A 289 2.42 -16.56 -8.99
CA GLY A 289 3.46 -15.55 -9.26
C GLY A 289 4.32 -15.36 -8.02
N SER A 290 5.48 -14.73 -8.12
CA SER A 290 6.36 -14.40 -6.96
C SER A 290 5.60 -13.64 -5.87
N ALA A 291 4.63 -12.80 -6.23
CA ALA A 291 3.92 -11.92 -5.26
C ALA A 291 2.99 -12.78 -4.39
N ALA A 292 2.23 -13.67 -5.04
CA ALA A 292 1.28 -14.63 -4.44
C ALA A 292 2.03 -15.56 -3.47
N VAL A 293 3.15 -16.16 -3.91
CA VAL A 293 4.05 -16.96 -3.02
C VAL A 293 4.64 -16.06 -1.90
N GLY A 294 5.05 -14.82 -2.20
CA GLY A 294 5.46 -13.83 -1.17
C GLY A 294 4.39 -13.69 -0.08
N VAL A 295 3.13 -13.54 -0.46
CA VAL A 295 2.01 -13.41 0.51
C VAL A 295 1.87 -14.69 1.32
N ALA A 296 1.90 -15.88 0.70
CA ALA A 296 1.78 -17.14 1.46
C ALA A 296 2.88 -17.21 2.53
N ASN A 297 4.11 -16.92 2.15
CA ASN A 297 5.29 -16.96 3.06
C ASN A 297 5.12 -15.93 4.18
N ASN A 298 4.55 -14.76 3.90
CA ASN A 298 4.33 -13.72 4.95
C ASN A 298 3.31 -14.27 5.96
N ILE A 299 2.29 -14.97 5.48
CA ILE A 299 1.24 -15.57 6.35
C ILE A 299 1.89 -16.60 7.26
N ALA A 300 2.60 -17.57 6.69
CA ALA A 300 3.41 -18.57 7.45
C ALA A 300 4.28 -17.85 8.48
N ALA A 301 5.07 -16.87 8.06
CA ALA A 301 6.04 -16.19 8.95
C ALA A 301 5.31 -15.52 10.13
N LEU A 302 4.12 -14.97 9.91
CA LEU A 302 3.39 -14.23 10.96
C LEU A 302 2.81 -15.24 11.95
N ALA A 303 2.13 -16.28 11.43
CA ALA A 303 1.59 -17.39 12.24
C ALA A 303 2.72 -18.01 13.10
N ALA A 304 3.92 -18.19 12.57
CA ALA A 304 5.07 -18.67 13.38
C ALA A 304 5.40 -17.66 14.49
N ARG A 305 5.51 -16.38 14.16
CA ARG A 305 5.87 -15.31 15.14
C ARG A 305 4.85 -15.31 16.30
N MET A 306 3.57 -15.31 15.96
CA MET A 306 2.50 -15.02 16.94
C MET A 306 2.15 -16.28 17.74
N TYR A 307 2.35 -17.48 17.18
CA TYR A 307 1.79 -18.73 17.75
C TYR A 307 2.88 -19.80 17.96
N LYS A 308 4.11 -19.53 17.59
CA LYS A 308 5.27 -20.48 17.66
C LYS A 308 4.87 -21.88 17.20
N PHE A 309 3.99 -22.05 16.21
CA PHE A 309 3.92 -23.33 15.46
C PHE A 309 5.18 -23.48 14.60
N PRO A 310 5.68 -24.73 14.38
CA PRO A 310 6.86 -24.93 13.54
C PRO A 310 6.52 -24.45 12.11
N VAL A 311 7.39 -23.66 11.51
CA VAL A 311 7.04 -22.99 10.23
C VAL A 311 6.83 -24.03 9.12
N GLN A 312 7.61 -25.13 9.09
CA GLN A 312 7.40 -26.26 8.13
C GLN A 312 5.93 -26.67 8.14
N ASP A 313 5.30 -26.74 9.32
CA ASP A 313 3.91 -27.25 9.49
C ASP A 313 2.91 -26.22 8.95
N LEU A 314 3.22 -24.92 9.08
CA LEU A 314 2.34 -23.85 8.53
C LEU A 314 2.35 -23.91 6.99
N VAL A 315 3.51 -24.19 6.40
CA VAL A 315 3.69 -24.30 4.94
C VAL A 315 2.79 -25.43 4.36
N LYS A 316 2.59 -26.52 5.09
CA LYS A 316 1.80 -27.69 4.63
C LYS A 316 0.31 -27.39 4.64
N THR A 317 -0.13 -26.23 5.13
CA THR A 317 -1.56 -25.80 5.06
C THR A 317 -1.83 -25.25 3.65
N PHE A 318 -0.77 -25.01 2.84
CA PHE A 318 -0.85 -24.24 1.58
C PHE A 318 -0.88 -25.20 0.39
N TYR A 319 -1.88 -25.04 -0.46
CA TYR A 319 -1.99 -25.72 -1.78
C TYR A 319 -1.96 -24.64 -2.86
N LEU A 320 -0.82 -24.56 -3.52
CA LEU A 320 -0.52 -23.56 -4.56
C LEU A 320 -1.13 -24.00 -5.90
N VAL A 321 -1.91 -23.15 -6.56
CA VAL A 321 -2.38 -23.40 -7.94
C VAL A 321 -1.73 -22.38 -8.88
N ASP A 322 -1.00 -22.90 -9.87
CA ASP A 322 -0.53 -22.14 -11.07
C ASP A 322 -1.43 -22.41 -12.30
N THR A 323 -1.05 -21.89 -13.47
CA THR A 323 -1.78 -22.04 -14.77
C THR A 323 -1.99 -23.53 -15.10
N LYS A 324 -1.10 -24.43 -14.66
CA LYS A 324 -1.17 -25.88 -14.97
C LYS A 324 -2.17 -26.60 -14.04
N GLY A 325 -2.26 -26.18 -12.78
CA GLY A 325 -3.08 -26.87 -11.75
C GLY A 325 -2.41 -26.89 -10.38
N LEU A 326 -2.67 -27.93 -9.59
CA LEU A 326 -2.10 -28.05 -8.23
C LEU A 326 -0.58 -28.19 -8.38
N VAL A 327 0.21 -27.34 -7.73
CA VAL A 327 1.70 -27.45 -7.70
C VAL A 327 2.09 -28.64 -6.79
N THR A 328 2.70 -29.68 -7.37
CA THR A 328 3.15 -30.90 -6.64
C THR A 328 4.55 -31.29 -7.10
N THR A 329 5.24 -32.14 -6.34
CA THR A 329 6.63 -32.61 -6.60
C THR A 329 6.57 -33.76 -7.62
N THR A 330 5.36 -34.30 -7.87
CA THR A 330 5.12 -35.55 -8.63
C THR A 330 4.37 -35.28 -9.94
N ARG A 331 4.21 -34.02 -10.36
CA ARG A 331 3.34 -33.72 -11.53
C ARG A 331 4.19 -33.71 -12.80
N GLY A 332 5.53 -33.63 -12.68
CA GLY A 332 6.48 -33.95 -13.76
C GLY A 332 7.00 -32.75 -14.53
N ASP A 333 6.90 -31.52 -14.03
CA ASP A 333 7.55 -30.34 -14.67
C ASP A 333 8.71 -29.87 -13.77
N GLN A 334 9.65 -29.10 -14.31
CA GLN A 334 10.69 -28.32 -13.56
C GLN A 334 10.03 -27.10 -12.93
N LEU A 335 9.83 -27.07 -11.62
CA LEU A 335 9.15 -25.94 -10.91
C LEU A 335 10.12 -24.76 -10.73
N ALA A 336 9.67 -23.54 -11.06
CA ALA A 336 10.31 -22.25 -10.67
C ALA A 336 10.78 -22.36 -9.22
N ALA A 337 11.93 -21.77 -8.87
CA ALA A 337 12.46 -21.85 -7.48
C ALA A 337 11.36 -21.45 -6.49
N HIS A 338 10.67 -20.33 -6.76
CA HIS A 338 9.70 -19.69 -5.83
C HIS A 338 8.54 -20.65 -5.57
N LYS A 339 8.30 -21.64 -6.44
CA LYS A 339 7.18 -22.60 -6.26
C LYS A 339 7.56 -23.90 -5.51
N LYS A 340 8.83 -24.30 -5.49
CA LYS A 340 9.31 -25.55 -4.81
C LYS A 340 8.83 -25.59 -3.36
N LEU A 341 9.02 -24.49 -2.63
CA LEU A 341 8.76 -24.40 -1.16
C LEU A 341 7.32 -24.81 -0.85
N LEU A 342 6.33 -24.39 -1.64
CA LEU A 342 4.89 -24.69 -1.36
C LEU A 342 4.39 -25.90 -2.18
N ALA A 343 5.27 -26.64 -2.86
CA ALA A 343 4.84 -27.84 -3.62
C ALA A 343 4.36 -28.93 -2.65
N ARG A 344 3.18 -29.49 -2.92
CA ARG A 344 2.72 -30.71 -2.20
C ARG A 344 3.79 -31.80 -2.39
N THR A 345 4.06 -32.54 -1.31
CA THR A 345 4.97 -33.72 -1.27
C THR A 345 4.13 -34.97 -1.00
N ASP A 346 2.86 -34.77 -0.70
CA ASP A 346 1.90 -35.78 -0.21
C ASP A 346 0.87 -36.06 -1.32
N VAL A 347 1.24 -35.83 -2.60
CA VAL A 347 0.32 -36.07 -3.76
C VAL A 347 1.07 -36.83 -4.86
N SER A 348 0.60 -38.04 -5.15
CA SER A 348 1.04 -39.00 -6.21
C SER A 348 0.93 -38.31 -7.56
N ALA A 349 1.78 -38.72 -8.52
CA ALA A 349 1.79 -38.26 -9.93
C ALA A 349 0.41 -38.41 -10.56
N GLU A 350 -0.30 -39.51 -10.27
CA GLU A 350 -1.57 -39.91 -10.94
C GLU A 350 -2.68 -38.98 -10.50
N ASP A 351 -2.71 -38.63 -9.22
CA ASP A 351 -3.68 -37.67 -8.65
C ASP A 351 -3.37 -36.28 -9.23
N SER A 352 -2.09 -35.90 -9.27
CA SER A 352 -1.62 -34.62 -9.86
C SER A 352 -2.23 -34.40 -11.23
N ALA A 353 -2.15 -35.41 -12.10
CA ALA A 353 -2.63 -35.37 -13.50
C ALA A 353 -4.15 -35.11 -13.51
N LYS A 354 -4.88 -35.49 -12.43
CA LYS A 354 -6.36 -35.35 -12.36
C LYS A 354 -6.70 -34.08 -11.55
N LEU A 355 -5.71 -33.23 -11.26
CA LEU A 355 -5.89 -32.01 -10.45
C LEU A 355 -5.38 -30.78 -11.22
N ARG A 356 -6.18 -30.33 -12.19
CA ARG A 356 -5.75 -29.28 -13.15
C ARG A 356 -6.75 -28.12 -13.13
N THR A 357 -8.07 -28.39 -13.13
CA THR A 357 -9.10 -27.34 -13.03
C THR A 357 -9.37 -27.06 -11.54
N LEU A 358 -9.71 -25.80 -11.21
CA LEU A 358 -9.92 -25.35 -9.81
C LEU A 358 -11.00 -26.21 -9.14
N GLU A 359 -12.12 -26.42 -9.83
CA GLU A 359 -13.30 -27.20 -9.36
C GLU A 359 -12.82 -28.56 -8.78
N GLU A 360 -11.96 -29.28 -9.51
CA GLU A 360 -11.53 -30.65 -9.09
C GLU A 360 -10.41 -30.54 -8.05
N ILE A 361 -9.54 -29.52 -8.15
CA ILE A 361 -8.55 -29.19 -7.07
C ILE A 361 -9.32 -28.93 -5.77
N VAL A 362 -10.33 -28.07 -5.77
CA VAL A 362 -11.17 -27.83 -4.56
C VAL A 362 -11.87 -29.12 -4.10
N ARG A 363 -12.35 -29.97 -5.02
CA ARG A 363 -13.07 -31.24 -4.64
C ARG A 363 -12.09 -32.18 -3.93
N PHE A 364 -10.86 -32.30 -4.40
CA PHE A 364 -9.81 -33.18 -3.78
C PHE A 364 -9.25 -32.59 -2.47
N VAL A 365 -8.72 -31.37 -2.50
CA VAL A 365 -8.03 -30.69 -1.34
C VAL A 365 -9.00 -30.48 -0.18
N LYS A 366 -10.29 -30.23 -0.47
CA LYS A 366 -11.31 -29.84 0.55
C LYS A 366 -10.77 -28.65 1.35
N PRO A 367 -10.62 -27.46 0.74
CA PRO A 367 -10.05 -26.33 1.48
C PRO A 367 -11.03 -25.65 2.43
N THR A 368 -10.46 -25.00 3.43
CA THR A 368 -11.19 -24.13 4.38
C THR A 368 -11.07 -22.66 3.96
N THR A 369 -10.03 -22.31 3.16
CA THR A 369 -9.71 -20.93 2.68
C THR A 369 -9.42 -20.91 1.19
N LEU A 370 -9.96 -19.93 0.44
CA LEU A 370 -9.62 -19.60 -0.98
C LEU A 370 -8.96 -18.21 -1.00
N LEU A 371 -7.67 -18.15 -1.30
CA LEU A 371 -6.90 -16.89 -1.49
C LEU A 371 -6.83 -16.62 -2.98
N GLY A 372 -7.51 -15.57 -3.43
CA GLY A 372 -7.58 -15.12 -4.83
C GLY A 372 -6.48 -14.13 -5.14
N LEU A 373 -5.42 -14.61 -5.79
CA LEU A 373 -4.26 -13.85 -6.30
C LEU A 373 -3.99 -14.27 -7.75
N GLY A 374 -5.06 -14.58 -8.51
CA GLY A 374 -4.99 -15.05 -9.91
C GLY A 374 -5.01 -13.90 -10.90
N GLY A 375 -5.95 -12.98 -10.78
CA GLY A 375 -6.11 -11.87 -11.74
C GLY A 375 -6.44 -12.40 -13.12
N VAL A 376 -7.34 -13.39 -13.20
CA VAL A 376 -7.79 -14.02 -14.47
C VAL A 376 -9.32 -14.18 -14.41
N GLY A 377 -10.00 -13.32 -13.67
CA GLY A 377 -11.48 -13.31 -13.63
C GLY A 377 -12.07 -14.14 -12.50
N PRO A 378 -13.41 -14.31 -12.48
CA PRO A 378 -14.11 -14.91 -11.34
C PRO A 378 -14.02 -16.45 -11.25
N ALA A 379 -12.83 -16.96 -10.90
CA ALA A 379 -12.56 -18.40 -10.75
C ALA A 379 -13.31 -19.00 -9.53
N PHE A 380 -13.66 -18.23 -8.51
CA PHE A 380 -14.40 -18.76 -7.33
C PHE A 380 -15.92 -18.80 -7.63
N THR A 381 -16.36 -19.86 -8.31
CA THR A 381 -17.76 -20.07 -8.77
C THR A 381 -18.66 -20.37 -7.57
N GLU A 382 -19.99 -20.29 -7.75
CA GLU A 382 -20.96 -20.65 -6.70
C GLU A 382 -20.71 -22.08 -6.20
N GLU A 383 -20.38 -23.01 -7.09
CA GLU A 383 -20.23 -24.45 -6.72
C GLU A 383 -18.90 -24.60 -5.95
N ILE A 384 -17.85 -23.90 -6.38
CA ILE A 384 -16.56 -23.88 -5.62
C ILE A 384 -16.79 -23.32 -4.21
N VAL A 385 -17.57 -22.25 -4.06
CA VAL A 385 -17.83 -21.66 -2.71
C VAL A 385 -18.65 -22.62 -1.85
N LYS A 386 -19.69 -23.23 -2.43
CA LYS A 386 -20.59 -24.19 -1.74
C LYS A 386 -19.76 -25.38 -1.26
N MET A 387 -18.82 -25.83 -2.09
CA MET A 387 -17.90 -26.96 -1.72
C MET A 387 -17.14 -26.61 -0.43
N VAL A 388 -16.67 -25.36 -0.30
CA VAL A 388 -15.92 -24.92 0.91
C VAL A 388 -16.89 -24.93 2.10
N MET A 389 -18.20 -24.66 1.88
CA MET A 389 -19.23 -24.70 2.98
C MET A 389 -19.24 -26.10 3.61
N GLN A 390 -18.95 -27.16 2.83
CA GLN A 390 -18.92 -28.58 3.29
C GLN A 390 -17.75 -28.82 4.26
N ASN A 391 -16.67 -28.02 4.20
CA ASN A 391 -15.42 -28.31 4.96
C ASN A 391 -15.25 -27.38 6.17
N THR A 392 -16.10 -26.34 6.31
CA THR A 392 -15.98 -25.34 7.40
C THR A 392 -17.33 -24.63 7.54
N GLU A 393 -17.68 -24.20 8.76
CA GLU A 393 -18.84 -23.31 9.00
C GLU A 393 -18.57 -21.89 8.46
N ARG A 394 -17.30 -21.48 8.39
CA ARG A 394 -16.88 -20.09 8.07
C ARG A 394 -15.77 -20.11 7.01
N PRO A 395 -16.13 -20.28 5.72
CA PRO A 395 -15.15 -20.18 4.65
C PRO A 395 -14.42 -18.83 4.64
N ILE A 396 -13.10 -18.84 4.64
CA ILE A 396 -12.29 -17.59 4.41
C ILE A 396 -12.08 -17.47 2.89
N ILE A 397 -12.67 -16.43 2.30
CA ILE A 397 -12.63 -16.18 0.83
C ILE A 397 -12.06 -14.77 0.61
N PHE A 398 -10.88 -14.70 0.01
CA PHE A 398 -10.11 -13.44 -0.15
C PHE A 398 -9.86 -13.13 -1.63
N PRO A 399 -10.79 -12.46 -2.37
CA PRO A 399 -10.54 -12.04 -3.76
C PRO A 399 -9.73 -10.75 -3.81
N LEU A 400 -8.41 -10.89 -3.94
CA LEU A 400 -7.43 -9.79 -3.76
C LEU A 400 -6.89 -9.31 -5.10
N SER A 401 -7.21 -9.99 -6.20
CA SER A 401 -6.74 -9.66 -7.56
C SER A 401 -7.27 -8.29 -8.00
N ASN A 402 -6.37 -7.41 -8.49
CA ASN A 402 -6.63 -6.01 -8.93
C ASN A 402 -6.55 -5.91 -10.45
N PRO A 403 -7.37 -5.06 -11.13
CA PRO A 403 -8.49 -4.34 -10.51
C PRO A 403 -9.72 -5.23 -10.33
N THR A 404 -10.80 -4.66 -9.80
CA THR A 404 -11.98 -5.42 -9.28
C THR A 404 -12.54 -6.38 -10.34
N SER A 405 -12.38 -6.07 -11.63
CA SER A 405 -12.85 -6.92 -12.75
C SER A 405 -12.04 -8.24 -12.85
N LYS A 406 -10.79 -8.23 -12.37
CA LYS A 406 -9.89 -9.42 -12.31
C LYS A 406 -10.30 -10.36 -11.16
N ALA A 407 -10.97 -9.82 -10.13
CA ALA A 407 -11.20 -10.43 -8.79
C ALA A 407 -11.87 -11.80 -8.93
N GLU A 408 -11.63 -12.72 -8.01
CA GLU A 408 -12.06 -14.13 -8.16
C GLU A 408 -13.56 -14.25 -7.85
N VAL A 409 -14.12 -13.27 -7.15
CA VAL A 409 -15.52 -13.28 -6.65
C VAL A 409 -15.81 -11.92 -6.02
N THR A 410 -17.06 -11.46 -6.11
CA THR A 410 -17.57 -10.26 -5.42
C THR A 410 -17.89 -10.67 -3.98
N PRO A 411 -17.58 -9.79 -3.00
CA PRO A 411 -18.08 -9.98 -1.63
C PRO A 411 -19.57 -10.35 -1.56
N GLU A 412 -20.42 -9.70 -2.35
CA GLU A 412 -21.89 -9.92 -2.42
C GLU A 412 -22.17 -11.40 -2.74
N ASN A 413 -21.70 -11.92 -3.89
CA ASN A 413 -21.85 -13.36 -4.24
C ASN A 413 -21.34 -14.27 -3.11
N ALA A 414 -20.14 -14.02 -2.57
CA ALA A 414 -19.54 -14.86 -1.51
C ALA A 414 -20.46 -14.93 -0.29
N TYR A 415 -20.99 -13.78 0.12
CA TYR A 415 -21.89 -13.66 1.29
C TYR A 415 -23.21 -14.38 0.97
N LYS A 416 -23.76 -14.11 -0.22
CA LYS A 416 -25.04 -14.73 -0.68
C LYS A 416 -24.89 -16.25 -0.63
N TRP A 417 -23.91 -16.77 -1.36
CA TRP A 417 -23.69 -18.23 -1.60
C TRP A 417 -23.47 -18.98 -0.28
N THR A 418 -23.01 -18.31 0.79
CA THR A 418 -22.73 -18.96 2.10
C THR A 418 -23.75 -18.54 3.15
N ASN A 419 -24.75 -17.74 2.74
CA ASN A 419 -25.80 -17.24 3.67
C ASN A 419 -25.15 -16.45 4.82
N GLY A 420 -24.10 -15.67 4.53
CA GLY A 420 -23.44 -14.77 5.49
C GLY A 420 -22.30 -15.41 6.26
N ALA A 421 -21.97 -16.65 5.96
CA ALA A 421 -20.93 -17.41 6.70
C ALA A 421 -19.52 -17.03 6.22
N ALA A 422 -19.35 -16.66 4.96
CA ALA A 422 -18.03 -16.36 4.34
C ALA A 422 -17.33 -15.23 5.12
N ILE A 423 -16.04 -15.37 5.43
CA ILE A 423 -15.21 -14.24 5.95
C ILE A 423 -14.38 -13.67 4.78
N VAL A 424 -14.64 -12.42 4.38
CA VAL A 424 -14.17 -11.82 3.09
C VAL A 424 -13.22 -10.65 3.35
N ALA A 425 -12.10 -10.59 2.62
CA ALA A 425 -11.26 -9.38 2.50
C ALA A 425 -10.97 -9.11 1.01
N SER A 426 -10.89 -7.84 0.56
CA SER A 426 -10.33 -7.50 -0.77
C SER A 426 -9.42 -6.26 -0.69
N GLY A 427 -8.78 -5.95 -1.83
CA GLY A 427 -7.96 -4.74 -2.08
C GLY A 427 -8.82 -3.50 -2.17
N SER A 428 -10.00 -3.61 -2.82
CA SER A 428 -10.99 -2.53 -3.13
C SER A 428 -12.12 -2.40 -2.12
N PRO A 429 -12.61 -1.17 -1.84
CA PRO A 429 -13.77 -0.98 -0.98
C PRO A 429 -15.04 -1.49 -1.69
N PHE A 430 -15.90 -2.22 -0.99
CA PHE A 430 -17.23 -2.65 -1.50
C PHE A 430 -18.29 -2.30 -0.47
N PRO A 431 -19.53 -2.01 -0.92
CA PRO A 431 -20.58 -1.63 0.01
C PRO A 431 -21.03 -2.83 0.83
N PRO A 432 -21.83 -2.60 1.89
CA PRO A 432 -22.34 -3.69 2.72
C PRO A 432 -23.40 -4.45 1.91
N THR A 433 -23.49 -5.77 2.15
CA THR A 433 -24.59 -6.68 1.72
C THR A 433 -25.47 -7.06 2.93
N THR A 434 -26.78 -6.95 2.77
CA THR A 434 -27.76 -7.30 3.81
C THR A 434 -28.39 -8.64 3.41
N ILE A 435 -28.36 -9.63 4.31
CA ILE A 435 -28.92 -10.99 4.09
C ILE A 435 -29.85 -11.32 5.26
N GLY A 436 -31.16 -11.32 4.97
CA GLY A 436 -32.20 -11.55 5.98
C GLY A 436 -32.05 -10.63 7.19
N GLY A 437 -31.95 -9.32 6.98
CA GLY A 437 -31.84 -8.30 8.05
C GLY A 437 -30.46 -8.25 8.69
N LYS A 438 -29.51 -9.08 8.23
CA LYS A 438 -28.15 -9.16 8.83
C LYS A 438 -27.16 -8.53 7.85
N THR A 439 -26.36 -7.57 8.31
CA THR A 439 -25.47 -6.77 7.43
C THR A 439 -24.04 -7.33 7.51
N PHE A 440 -23.39 -7.42 6.35
CA PHE A 440 -22.01 -7.88 6.14
C PHE A 440 -21.28 -6.92 5.20
N LYS A 441 -20.01 -6.72 5.48
CA LYS A 441 -19.16 -5.78 4.72
C LYS A 441 -17.78 -6.39 4.72
N PRO A 442 -17.13 -6.54 3.56
CA PRO A 442 -15.83 -7.18 3.51
C PRO A 442 -14.80 -6.26 4.19
N SER A 443 -13.69 -6.80 4.66
CA SER A 443 -12.55 -6.01 5.18
C SER A 443 -11.67 -5.56 4.00
N GLN A 444 -11.26 -4.30 3.95
CA GLN A 444 -10.36 -3.82 2.88
C GLN A 444 -8.91 -3.92 3.37
N GLY A 445 -8.14 -4.86 2.83
CA GLY A 445 -6.68 -5.01 3.05
C GLY A 445 -5.89 -3.97 2.28
N ASN A 446 -6.01 -2.69 2.67
CA ASN A 446 -5.39 -1.55 1.98
C ASN A 446 -3.95 -1.39 2.49
N ASN A 447 -3.00 -1.21 1.58
CA ASN A 447 -1.55 -0.99 1.87
C ASN A 447 -1.38 0.23 2.78
N LEU A 448 -2.34 1.16 2.84
CA LEU A 448 -2.28 2.35 3.74
C LEU A 448 -2.12 1.89 5.20
N TYR A 449 -2.59 0.68 5.56
CA TYR A 449 -2.48 0.13 6.93
C TYR A 449 -1.00 0.05 7.38
N VAL A 450 -0.01 -0.16 6.50
CA VAL A 450 1.38 -0.53 6.89
C VAL A 450 2.46 0.49 6.46
N PHE A 451 2.52 0.91 5.18
CA PHE A 451 3.68 1.70 4.68
C PHE A 451 3.80 3.01 5.49
N PRO A 452 2.71 3.72 5.87
CA PRO A 452 2.86 5.00 6.58
C PRO A 452 3.62 4.82 7.89
N GLY A 453 3.23 3.79 8.66
CA GLY A 453 3.78 3.45 9.98
C GLY A 453 5.20 2.97 9.84
N VAL A 454 5.47 2.22 8.76
CA VAL A 454 6.86 1.82 8.46
C VAL A 454 7.66 3.10 8.23
N GLY A 455 7.10 4.03 7.44
CA GLY A 455 7.76 5.31 7.12
C GLY A 455 8.03 6.12 8.39
N LEU A 456 7.00 6.32 9.20
CA LEU A 456 7.11 7.09 10.47
C LEU A 456 8.07 6.42 11.46
N GLY A 457 8.06 5.08 11.51
CA GLY A 457 8.96 4.33 12.40
C GLY A 457 10.42 4.48 12.01
N CYS A 458 10.72 4.39 10.71
CA CYS A 458 12.09 4.54 10.15
C CYS A 458 12.51 6.02 10.18
N ALA A 459 11.58 6.95 10.02
CA ALA A 459 11.88 8.40 10.15
C ALA A 459 12.46 8.68 11.55
N LEU A 460 11.76 8.25 12.61
CA LEU A 460 12.18 8.41 14.04
C LEU A 460 13.40 7.52 14.40
N ALA A 461 13.34 6.21 14.12
CA ALA A 461 14.36 5.24 14.54
C ALA A 461 15.69 5.47 13.84
N GLN A 462 15.66 5.90 12.57
CA GLN A 462 16.86 6.00 11.69
C GLN A 462 17.59 4.66 11.59
N PRO A 463 16.93 3.56 11.17
CA PRO A 463 17.61 2.25 11.12
C PRO A 463 18.68 2.23 10.03
N THR A 464 19.78 1.48 10.20
CA THR A 464 20.82 1.37 9.14
C THR A 464 20.14 0.77 7.92
N HIS A 465 19.12 -0.07 8.12
CA HIS A 465 18.37 -0.66 6.99
C HIS A 465 17.01 -1.16 7.46
N ILE A 466 16.22 -1.72 6.55
CA ILE A 466 14.86 -2.28 6.86
C ILE A 466 14.87 -3.77 6.55
N PRO A 467 15.32 -4.64 7.49
CA PRO A 467 15.26 -6.09 7.28
C PRO A 467 13.81 -6.56 7.46
N GLU A 468 13.55 -7.79 7.03
CA GLU A 468 12.21 -8.41 7.00
C GLU A 468 11.56 -8.33 8.40
N GLU A 469 12.37 -8.37 9.47
CA GLU A 469 11.88 -8.39 10.87
C GLU A 469 11.00 -7.15 11.12
N LEU A 470 11.33 -5.98 10.58
CA LEU A 470 10.51 -4.75 10.84
C LEU A 470 9.16 -4.87 10.14
N LEU A 471 9.14 -5.49 8.94
CA LEU A 471 7.88 -5.68 8.15
C LEU A 471 6.99 -6.68 8.87
N LEU A 472 7.56 -7.77 9.39
CA LEU A 472 6.86 -8.80 10.21
C LEU A 472 6.29 -8.12 11.47
N THR A 473 7.11 -7.36 12.19
CA THR A 473 6.62 -6.61 13.38
C THR A 473 5.41 -5.78 12.98
N ALA A 474 5.43 -5.12 11.83
CA ALA A 474 4.35 -4.17 11.44
C ALA A 474 3.11 -4.99 11.13
N SER A 475 3.32 -6.15 10.52
CA SER A 475 2.25 -7.13 10.21
C SER A 475 1.56 -7.56 11.52
N GLU A 476 2.33 -8.02 12.51
CA GLU A 476 1.77 -8.45 13.83
C GLU A 476 1.09 -7.26 14.51
N SER A 477 1.71 -6.07 14.49
CA SER A 477 1.18 -4.88 15.19
C SER A 477 -0.21 -4.58 14.62
N LEU A 478 -0.35 -4.65 13.30
CA LEU A 478 -1.65 -4.41 12.65
C LEU A 478 -2.66 -5.49 13.07
N ASN A 479 -2.26 -6.75 13.05
CA ASN A 479 -3.18 -7.82 13.50
C ASN A 479 -3.71 -7.50 14.92
N LEU A 480 -2.79 -7.17 15.84
CA LEU A 480 -3.05 -6.98 17.30
C LEU A 480 -3.89 -5.72 17.57
N LEU A 481 -3.97 -4.75 16.67
CA LEU A 481 -4.78 -3.53 16.84
C LEU A 481 -6.23 -3.81 16.47
N THR A 482 -6.53 -4.95 15.84
CA THR A 482 -7.95 -5.30 15.64
C THR A 482 -8.52 -5.70 17.01
N THR A 483 -9.40 -4.89 17.61
CA THR A 483 -9.87 -5.12 19.00
C THR A 483 -10.88 -6.28 19.02
N GLU A 484 -11.17 -6.77 20.23
CA GLU A 484 -12.22 -7.80 20.47
C GLU A 484 -13.54 -7.24 19.95
N GLY A 485 -13.85 -5.96 20.17
CA GLY A 485 -15.05 -5.31 19.62
C GLY A 485 -15.08 -5.33 18.09
N ASP A 486 -13.97 -4.98 17.45
CA ASP A 486 -13.89 -5.05 15.97
C ASP A 486 -14.16 -6.50 15.55
N LEU A 487 -13.47 -7.47 16.17
CA LEU A 487 -13.57 -8.91 15.81
C LEU A 487 -15.01 -9.38 15.96
N ARG A 488 -15.64 -8.93 17.03
CA ARG A 488 -17.06 -9.26 17.36
C ARG A 488 -17.93 -8.77 16.20
N GLU A 489 -17.60 -7.64 15.56
CA GLU A 489 -18.40 -7.03 14.44
C GLU A 489 -17.89 -7.55 13.08
N GLY A 490 -17.01 -8.56 13.08
CA GLY A 490 -16.54 -9.23 11.84
C GLY A 490 -15.44 -8.46 11.11
N ARG A 491 -14.82 -7.44 11.73
CA ARG A 491 -13.72 -6.64 11.09
C ARG A 491 -12.42 -7.42 11.24
N LEU A 492 -11.64 -7.47 10.17
CA LEU A 492 -10.31 -8.15 10.19
C LEU A 492 -9.20 -7.14 10.47
N TYR A 493 -9.51 -5.84 10.45
CA TYR A 493 -8.51 -4.75 10.63
C TYR A 493 -9.11 -3.68 11.53
N PRO A 494 -8.27 -2.86 12.20
CA PRO A 494 -8.80 -1.68 12.87
C PRO A 494 -9.43 -0.86 11.75
N PRO A 495 -10.35 0.10 12.04
CA PRO A 495 -10.98 0.89 10.99
C PRO A 495 -9.99 1.83 10.29
N LEU A 496 -10.10 1.95 8.97
CA LEU A 496 -9.24 2.82 8.11
C LEU A 496 -9.23 4.26 8.65
N GLU A 497 -10.37 4.76 9.14
CA GLU A 497 -10.56 6.15 9.64
C GLU A 497 -9.58 6.44 10.76
N ASP A 498 -9.17 5.40 11.50
CA ASP A 498 -8.30 5.50 12.71
C ASP A 498 -6.85 5.38 12.28
N ILE A 499 -6.53 5.80 11.05
CA ILE A 499 -5.18 5.55 10.45
C ILE A 499 -4.07 6.18 11.29
N HIS A 500 -4.27 7.37 11.89
CA HIS A 500 -3.24 8.04 12.73
C HIS A 500 -2.86 7.19 13.94
N ASN A 501 -3.88 6.78 14.72
CA ASN A 501 -3.66 5.80 15.80
C ASN A 501 -2.96 4.53 15.27
N ILE A 502 -3.44 3.92 14.17
CA ILE A 502 -2.81 2.66 13.62
C ILE A 502 -1.34 2.94 13.31
N SER A 503 -1.08 4.08 12.67
CA SER A 503 0.28 4.41 12.20
C SER A 503 1.20 4.65 13.41
N ALA A 504 0.73 5.34 14.45
CA ALA A 504 1.48 5.52 15.72
C ALA A 504 1.85 4.15 16.30
N ASN A 505 0.88 3.22 16.33
CA ASN A 505 1.08 1.89 16.96
C ASN A 505 2.12 1.11 16.13
N VAL A 506 1.98 1.18 14.81
CA VAL A 506 2.82 0.37 13.88
C VAL A 506 4.25 0.87 13.95
N ALA A 507 4.41 2.18 14.01
CA ALA A 507 5.71 2.85 14.11
C ALA A 507 6.39 2.43 15.42
N THR A 508 5.67 2.57 16.54
CA THR A 508 6.17 2.19 17.89
C THR A 508 6.76 0.78 17.82
N ASP A 509 5.97 -0.17 17.34
CA ASP A 509 6.40 -1.60 17.25
C ASP A 509 7.64 -1.70 16.36
N VAL A 510 7.67 -0.99 15.21
CA VAL A 510 8.82 -1.05 14.27
C VAL A 510 10.08 -0.53 14.96
N ILE A 511 9.90 0.54 15.73
CA ILE A 511 11.03 1.20 16.44
C ILE A 511 11.57 0.20 17.47
N LEU A 512 10.69 -0.41 18.26
CA LEU A 512 11.17 -1.35 19.31
C LEU A 512 11.88 -2.52 18.64
N GLU A 513 11.36 -3.05 17.52
CA GLU A 513 12.06 -4.12 16.77
C GLU A 513 13.45 -3.63 16.38
N ALA A 514 13.58 -2.40 15.87
CA ALA A 514 14.88 -1.89 15.40
C ALA A 514 15.82 -1.74 16.60
N GLN A 515 15.33 -1.20 17.72
CA GLN A 515 16.10 -1.00 18.99
C GLN A 515 16.63 -2.35 19.46
N ARG A 516 15.72 -3.33 19.55
CA ARG A 516 15.98 -4.75 19.88
C ARG A 516 17.10 -5.31 19.00
N MET A 517 17.09 -5.01 17.69
CA MET A 517 18.12 -5.50 16.73
C MET A 517 19.37 -4.61 16.81
N LYS A 518 19.29 -3.46 17.49
CA LYS A 518 20.41 -2.48 17.66
C LYS A 518 20.87 -1.97 16.30
N ILE A 519 19.90 -1.65 15.42
CA ILE A 519 20.17 -1.02 14.10
C ILE A 519 19.65 0.43 14.09
N ASP A 520 19.02 0.89 15.18
CA ASP A 520 18.50 2.29 15.32
C ASP A 520 19.67 3.25 15.49
N ASN A 521 19.64 4.44 14.89
CA ASN A 521 20.71 5.46 15.06
C ASN A 521 20.18 6.67 15.83
N ASN A 522 18.88 6.79 16.08
CA ASN A 522 18.30 7.90 16.86
C ASN A 522 18.17 7.49 18.34
N LYS A 523 19.17 7.86 19.16
CA LYS A 523 19.24 7.47 20.60
C LYS A 523 18.34 8.36 21.46
N LYS A 524 17.57 9.29 20.88
CA LYS A 524 16.76 10.24 21.68
C LYS A 524 15.45 9.59 22.09
N LEU A 525 15.16 8.39 21.58
CA LEU A 525 13.78 7.82 21.65
C LEU A 525 13.61 7.08 22.96
N PRO A 526 12.38 7.06 23.53
CA PRO A 526 12.07 6.14 24.63
C PRO A 526 12.22 4.71 24.09
N ARG A 527 12.54 3.76 24.98
CA ARG A 527 12.82 2.33 24.64
C ARG A 527 11.79 1.39 25.26
N THR A 528 10.72 1.95 25.85
CA THR A 528 9.57 1.22 26.42
C THR A 528 8.31 1.70 25.69
N ARG A 529 7.34 0.81 25.49
CA ARG A 529 6.22 0.99 24.52
C ARG A 529 5.36 2.20 24.91
N ASP A 530 4.78 2.25 26.11
CA ASP A 530 3.80 3.31 26.48
C ASP A 530 4.41 4.69 26.23
N GLU A 531 5.67 4.92 26.62
CA GLU A 531 6.37 6.23 26.50
C GLU A 531 6.65 6.47 25.02
N LEU A 532 7.15 5.45 24.33
CA LEU A 532 7.44 5.56 22.89
C LEU A 532 6.15 5.92 22.17
N LEU A 533 5.07 5.18 22.38
CA LEU A 533 3.81 5.43 21.63
C LEU A 533 3.42 6.90 21.81
N ALA A 534 3.39 7.41 23.05
CA ALA A 534 3.05 8.82 23.37
C ALA A 534 4.01 9.79 22.66
N PHE A 535 5.29 9.47 22.56
CA PHE A 535 6.29 10.33 21.87
C PHE A 535 6.04 10.37 20.37
N VAL A 536 5.82 9.20 19.80
CA VAL A 536 5.52 9.02 18.35
C VAL A 536 4.28 9.85 18.00
N LYS A 537 3.23 9.74 18.81
CA LYS A 537 1.96 10.45 18.53
C LYS A 537 2.23 11.95 18.50
N LYS A 538 3.10 12.47 19.39
CA LYS A 538 3.45 13.91 19.45
C LYS A 538 4.32 14.33 18.25
N ALA A 539 5.17 13.46 17.70
CA ALA A 539 6.07 13.79 16.58
C ALA A 539 5.29 13.92 15.24
N MET A 540 4.04 13.47 15.23
CA MET A 540 3.25 13.36 13.99
C MET A 540 2.72 14.74 13.60
N TRP A 541 2.88 15.10 12.32
CA TRP A 541 2.25 16.32 11.75
C TRP A 541 0.72 16.11 11.75
N LYS A 542 -0.02 17.13 12.17
CA LYS A 542 -1.50 17.08 12.30
C LYS A 542 -2.13 18.07 11.34
N PRO A 543 -3.15 17.66 10.57
CA PRO A 543 -3.90 18.60 9.73
C PRO A 543 -4.89 19.46 10.53
N VAL A 544 -4.32 20.33 11.37
CA VAL A 544 -5.09 21.39 12.09
C VAL A 544 -4.22 22.66 12.09
N TYR A 545 -4.86 23.82 12.15
CA TYR A 545 -4.17 25.14 12.13
C TYR A 545 -3.51 25.33 13.50
N SER A 546 -2.23 25.70 13.61
CA SER A 546 -1.54 25.75 14.93
C SER A 546 -0.76 27.06 15.14
C4 SEV B . 1.09 24.76 -16.34
C14 SEV B . 6.61 23.67 -13.66
C5 SEV B . 2.20 24.82 -17.15
C6 SEV B . 2.24 24.11 -18.35
C11 SEV B . 6.25 20.88 -16.14
C7 SEV B . -1.67 22.75 -15.52
C8 SEV B . 5.42 23.04 -17.68
C9 SEV B . 5.79 23.24 -16.37
C10 SEV B . 6.20 22.17 -15.60
C12 SEV B . 5.86 20.69 -17.45
C13 SEV B . 5.46 21.76 -18.24
N1 SEV B . 3.41 24.19 -19.16
N2 SEV B . 6.54 22.46 -14.27
C3 SEV B . 0.00 23.99 -16.71
C1 SEV B . 1.14 23.35 -18.72
C2 SEV B . 0.02 23.30 -17.92
O1 SEV B . -1.07 23.99 -15.84
S1 SEV B . 4.96 24.44 -18.66
O2 SEV B . 4.88 25.67 -17.89
O3 SEV B . 5.84 24.37 -19.78
C15 SEV B . 7.05 23.59 -12.24
O4 SEV B . 6.33 24.75 -14.17
C16 SEV B . 6.66 24.55 -11.31
C17 SEV B . 7.07 24.38 -10.01
C18 SEV B . 7.84 23.32 -9.60
C19 SEV B . 8.19 22.38 -10.54
C20 SEV B . 7.82 22.49 -11.86
F1 SEV B . 8.95 21.31 -10.17
F2 SEV B . 6.71 25.30 -9.10
C1 CIT C . 1.38 35.72 -7.21
O1 CIT C . 0.70 34.95 -6.51
O2 CIT C . 1.62 35.49 -8.41
C2 CIT C . 1.87 37.02 -6.59
C3 CIT C . 0.72 37.95 -6.18
O7 CIT C . -0.09 37.22 -5.28
C4 CIT C . 1.25 39.24 -5.50
C5 CIT C . 0.20 40.11 -4.79
O3 CIT C . 0.59 40.99 -3.98
O4 CIT C . -1.02 39.92 -5.05
C6 CIT C . -0.10 38.29 -7.45
O5 CIT C . -1.16 37.67 -7.65
O6 CIT C . 0.37 39.13 -8.20
N1 EPE D . 11.40 15.62 13.36
C2 EPE D . 11.48 14.18 13.70
C3 EPE D . 10.43 13.39 12.89
N4 EPE D . 9.13 14.08 12.78
C5 EPE D . 9.20 15.49 12.39
C6 EPE D . 10.04 16.16 13.44
C7 EPE D . 8.18 13.26 12.02
C8 EPE D . 7.10 14.03 11.22
O8 EPE D . 7.56 14.38 9.89
C9 EPE D . 12.27 16.52 14.13
C10 EPE D . 12.81 16.02 15.47
S EPE D . 14.19 16.93 15.79
O1S EPE D . 15.29 16.32 15.01
O2S EPE D . 14.56 16.79 17.24
O3S EPE D . 13.96 18.32 15.29
S DMS E . 14.39 13.75 -25.61
O DMS E . 14.19 12.29 -25.38
C1 DMS E . 14.17 14.64 -24.08
C2 DMS E . 12.88 14.31 -26.36
#